data_1H9G
#
_entry.id   1H9G
#
_cell.length_a   59.476
_cell.length_b   59.476
_cell.length_c   290.483
_cell.angle_alpha   90.00
_cell.angle_beta   90.00
_cell.angle_gamma   120.00
#
_symmetry.space_group_name_H-M   'P 61 2 2'
#
loop_
_entity.id
_entity.type
_entity.pdbx_description
1 polymer 'FATTY ACID METABOLISM REGULATOR PROTEIN'
2 non-polymer 'COENZYME A'
3 non-polymer 'MYRISTIC ACID'
4 water water
#
_entity_poly.entity_id   1
_entity_poly.type   'polypeptide(L)'
_entity_poly.pdbx_seq_one_letter_code
;FADRMVIKAQSPAGFAEEYIIESIWNNRFPPGTILPAERELSELIGVTRTTLREVLQRLARDGWLTIQHGKPTKVNNFWE
TSGLNILETLARLDHESVPQLIDNLLSVRTNISTIFIRTAFRQHPDKAQEVLATANEVADHADAFAELDYNIFRGLAFAS
GNPIYGLILNGMKGLYTRIGRHYFANPEARSLALGFYHKLSALCSEGAHDQVYETVRRYGHESGEIWHRMQKNLPGDLAI
QGR
;
_entity_poly.pdbx_strand_id   A
#
# COMPACT_ATOMS: atom_id res chain seq x y z
N ALA A 9 9.70 24.47 5.56
CA ALA A 9 9.90 23.08 6.08
C ALA A 9 10.31 22.12 4.97
N GLN A 10 9.97 22.49 3.74
CA GLN A 10 10.34 21.65 2.60
C GLN A 10 11.67 22.10 2.04
N SER A 11 12.60 21.16 1.94
CA SER A 11 13.93 21.44 1.41
C SER A 11 13.87 21.72 -0.09
N PRO A 12 14.97 22.27 -0.64
CA PRO A 12 14.97 22.54 -2.07
C PRO A 12 14.87 21.22 -2.88
N ALA A 13 15.53 20.16 -2.39
CA ALA A 13 15.46 18.86 -3.07
C ALA A 13 14.00 18.41 -3.06
N GLY A 14 13.34 18.52 -1.91
CA GLY A 14 11.93 18.15 -1.82
C GLY A 14 11.06 18.95 -2.77
N PHE A 15 11.33 20.25 -2.87
CA PHE A 15 10.55 21.09 -3.77
C PHE A 15 10.77 20.67 -5.25
N ALA A 16 12.01 20.35 -5.58
CA ALA A 16 12.38 19.96 -6.94
C ALA A 16 11.67 18.65 -7.35
N GLU A 17 11.70 17.66 -6.46
CA GLU A 17 11.11 16.36 -6.68
C GLU A 17 9.60 16.50 -6.90
N GLU A 18 8.96 17.26 -6.03
CA GLU A 18 7.53 17.48 -6.12
C GLU A 18 7.16 18.25 -7.40
N TYR A 19 7.99 19.22 -7.77
CA TYR A 19 7.71 19.98 -8.97
C TYR A 19 7.79 19.10 -10.23
N ILE A 20 8.78 18.21 -10.31
CA ILE A 20 8.90 17.37 -11.49
C ILE A 20 7.74 16.38 -11.53
N ILE A 21 7.45 15.72 -10.42
CA ILE A 21 6.35 14.76 -10.38
C ILE A 21 5.02 15.42 -10.82
N GLU A 22 4.70 16.59 -10.25
CA GLU A 22 3.46 17.26 -10.62
C GLU A 22 3.48 17.72 -12.08
N SER A 23 4.67 17.98 -12.60
CA SER A 23 4.78 18.42 -14.00
C SER A 23 4.52 17.25 -14.93
N ILE A 24 4.88 16.05 -14.48
CA ILE A 24 4.61 14.89 -15.31
C ILE A 24 3.09 14.72 -15.29
N TRP A 25 2.51 14.76 -14.09
CA TRP A 25 1.06 14.62 -13.92
C TRP A 25 0.21 15.63 -14.69
N ASN A 26 0.57 16.91 -14.66
CA ASN A 26 -0.21 17.92 -15.37
C ASN A 26 0.24 18.03 -16.83
N ASN A 27 1.18 17.17 -17.20
CA ASN A 27 1.72 17.10 -18.55
C ASN A 27 2.66 18.18 -19.06
N ARG A 28 3.28 18.93 -18.16
CA ARG A 28 4.26 19.90 -18.60
C ARG A 28 5.34 19.01 -19.22
N PHE A 29 5.54 17.84 -18.60
CA PHE A 29 6.52 16.84 -19.04
C PHE A 29 5.73 15.55 -19.26
N PRO A 30 5.15 15.38 -20.46
CA PRO A 30 4.37 14.16 -20.73
C PRO A 30 5.20 12.89 -20.80
N PRO A 31 4.63 11.79 -20.28
CA PRO A 31 5.28 10.48 -20.29
C PRO A 31 5.69 10.20 -21.74
N GLY A 32 6.88 9.65 -21.95
CA GLY A 32 7.32 9.36 -23.29
C GLY A 32 8.14 10.49 -23.91
N THR A 33 8.18 11.66 -23.26
CA THR A 33 8.98 12.76 -23.80
C THR A 33 10.26 12.82 -22.98
N ILE A 34 11.24 13.62 -23.41
CA ILE A 34 12.44 13.73 -22.60
C ILE A 34 12.33 15.00 -21.77
N LEU A 35 13.05 14.98 -20.67
CA LEU A 35 13.07 16.10 -19.74
C LEU A 35 13.94 17.22 -20.30
N PRO A 36 13.56 18.48 -20.05
CA PRO A 36 14.45 19.52 -20.59
C PRO A 36 15.85 19.25 -20.01
N ALA A 37 16.88 19.78 -20.67
CA ALA A 37 18.27 19.59 -20.22
C ALA A 37 18.42 20.12 -18.79
N GLU A 38 19.42 19.61 -18.10
CA GLU A 38 19.64 19.97 -16.70
C GLU A 38 19.85 21.45 -16.35
N ARG A 39 20.61 22.20 -17.15
CA ARG A 39 20.81 23.62 -16.86
C ARG A 39 19.46 24.32 -16.85
N GLU A 40 18.68 24.09 -17.90
CA GLU A 40 17.35 24.69 -18.05
C GLU A 40 16.42 24.29 -16.91
N LEU A 41 16.41 23.00 -16.61
CA LEU A 41 15.54 22.46 -15.56
C LEU A 41 15.93 23.00 -14.18
N SER A 42 17.23 23.07 -13.89
CA SER A 42 17.66 23.58 -12.62
C SER A 42 17.35 25.09 -12.53
N GLU A 43 17.49 25.84 -13.62
CA GLU A 43 17.15 27.27 -13.56
C GLU A 43 15.66 27.47 -13.44
N LEU A 44 14.89 26.57 -14.06
CA LEU A 44 13.46 26.68 -14.01
C LEU A 44 12.95 26.40 -12.59
N ILE A 45 13.51 25.39 -11.95
CA ILE A 45 13.05 25.01 -10.62
C ILE A 45 13.65 25.86 -9.51
N GLY A 46 14.86 26.36 -9.74
CA GLY A 46 15.54 27.16 -8.74
C GLY A 46 16.39 26.33 -7.80
N VAL A 47 17.04 25.27 -8.30
CA VAL A 47 17.93 24.48 -7.45
C VAL A 47 19.27 24.32 -8.14
N THR A 48 20.32 24.03 -7.37
CA THR A 48 21.64 23.85 -7.93
C THR A 48 21.69 22.57 -8.79
N ARG A 49 22.75 22.44 -9.58
CA ARG A 49 22.93 21.27 -10.45
C ARG A 49 23.13 20.02 -9.61
N THR A 50 23.78 20.18 -8.46
CA THR A 50 24.02 19.05 -7.58
C THR A 50 22.70 18.59 -6.99
N THR A 51 21.87 19.56 -6.60
CA THR A 51 20.57 19.23 -6.03
C THR A 51 19.74 18.51 -7.10
N LEU A 52 19.75 19.04 -8.32
CA LEU A 52 18.98 18.42 -9.37
C LEU A 52 19.45 17.00 -9.69
N ARG A 53 20.76 16.76 -9.70
CA ARG A 53 21.25 15.42 -10.01
C ARG A 53 20.74 14.42 -9.00
N GLU A 54 20.80 14.81 -7.72
CA GLU A 54 20.35 13.96 -6.64
C GLU A 54 18.84 13.71 -6.73
N VAL A 55 18.07 14.71 -7.14
CA VAL A 55 16.65 14.55 -7.24
C VAL A 55 16.30 13.64 -8.45
N LEU A 56 17.02 13.81 -9.55
CA LEU A 56 16.76 12.97 -10.72
C LEU A 56 17.10 11.51 -10.38
N GLN A 57 18.13 11.29 -9.59
CA GLN A 57 18.52 9.94 -9.18
C GLN A 57 17.38 9.29 -8.40
N ARG A 58 16.84 10.04 -7.45
CA ARG A 58 15.74 9.53 -6.64
C ARG A 58 14.48 9.25 -7.48
N LEU A 59 14.14 10.17 -8.38
CA LEU A 59 12.97 9.99 -9.23
C LEU A 59 13.15 8.78 -10.16
N ALA A 60 14.37 8.56 -10.64
CA ALA A 60 14.66 7.43 -11.52
C ALA A 60 14.49 6.16 -10.70
N ARG A 61 15.04 6.17 -9.49
CA ARG A 61 14.94 5.01 -8.60
C ARG A 61 13.49 4.61 -8.36
N ASP A 62 12.59 5.58 -8.22
CA ASP A 62 11.18 5.30 -8.00
C ASP A 62 10.40 5.03 -9.29
N GLY A 63 11.13 4.97 -10.40
CA GLY A 63 10.49 4.68 -11.67
C GLY A 63 9.84 5.79 -12.46
N TRP A 64 9.89 7.03 -11.99
CA TRP A 64 9.28 8.16 -12.72
C TRP A 64 10.08 8.53 -13.97
N LEU A 65 11.39 8.34 -13.90
CA LEU A 65 12.28 8.68 -15.00
C LEU A 65 13.23 7.54 -15.27
N THR A 66 13.76 7.51 -16.49
CA THR A 66 14.76 6.53 -16.87
C THR A 66 15.98 7.37 -17.23
N ILE A 67 17.08 7.14 -16.54
CA ILE A 67 18.28 7.89 -16.82
C ILE A 67 19.36 6.94 -17.33
N GLN A 68 20.20 7.46 -18.21
CA GLN A 68 21.30 6.67 -18.76
C GLN A 68 22.44 7.66 -18.90
N HIS A 69 23.58 7.34 -18.33
CA HIS A 69 24.72 8.24 -18.38
C HIS A 69 25.00 8.76 -19.80
N GLY A 70 25.17 10.07 -19.90
CA GLY A 70 25.46 10.68 -21.19
C GLY A 70 24.32 10.69 -22.20
N LYS A 71 23.11 10.37 -21.74
CA LYS A 71 21.95 10.35 -22.62
C LYS A 71 20.82 11.18 -22.05
N PRO A 72 19.89 11.64 -22.91
CA PRO A 72 18.78 12.45 -22.41
C PRO A 72 17.99 11.63 -21.40
N THR A 73 17.34 12.28 -20.46
CA THR A 73 16.57 11.57 -19.45
C THR A 73 15.13 11.52 -19.93
N LYS A 74 14.56 10.32 -19.95
CA LYS A 74 13.18 10.13 -20.41
C LYS A 74 12.14 10.13 -19.29
N VAL A 75 10.95 10.63 -19.59
CA VAL A 75 9.85 10.64 -18.63
C VAL A 75 9.07 9.34 -18.88
N ASN A 76 8.93 8.51 -17.84
CA ASN A 76 8.21 7.26 -18.01
C ASN A 76 6.74 7.38 -17.71
N ASN A 77 6.05 6.28 -17.98
CA ASN A 77 4.64 6.13 -17.65
C ASN A 77 4.88 5.30 -16.39
N PHE A 78 4.79 5.93 -15.22
CA PHE A 78 5.06 5.25 -13.96
C PHE A 78 4.23 3.98 -13.76
N TRP A 79 3.05 3.91 -14.38
CA TRP A 79 2.22 2.73 -14.25
C TRP A 79 2.97 1.47 -14.68
N GLU A 80 3.93 1.61 -15.60
CA GLU A 80 4.67 0.44 -16.07
C GLU A 80 6.10 0.31 -15.58
N THR A 81 6.56 1.27 -14.80
CA THR A 81 7.92 1.25 -14.28
C THR A 81 8.00 1.26 -12.74
N SER A 82 7.05 1.93 -12.09
CA SER A 82 7.06 2.03 -10.64
C SER A 82 6.57 0.79 -9.86
N GLY A 83 6.97 0.69 -8.59
CA GLY A 83 6.57 -0.41 -7.75
C GLY A 83 5.53 0.07 -6.75
N LEU A 84 5.23 -0.76 -5.76
CA LEU A 84 4.25 -0.41 -4.74
C LEU A 84 4.58 0.82 -3.92
N ASN A 85 5.86 1.12 -3.71
CA ASN A 85 6.19 2.28 -2.91
C ASN A 85 5.71 3.64 -3.45
N ILE A 86 5.23 3.71 -4.69
CA ILE A 86 4.74 5.00 -5.20
C ILE A 86 3.36 5.31 -4.67
N LEU A 87 2.69 4.28 -4.15
CA LEU A 87 1.36 4.45 -3.59
C LEU A 87 1.37 5.62 -2.58
N GLU A 88 2.39 5.66 -1.71
CA GLU A 88 2.48 6.72 -0.72
C GLU A 88 2.75 8.08 -1.38
N THR A 89 3.38 8.07 -2.56
CA THR A 89 3.63 9.33 -3.26
C THR A 89 2.34 9.83 -3.86
N LEU A 90 1.59 8.95 -4.54
CA LEU A 90 0.33 9.34 -5.13
C LEU A 90 -0.54 9.94 -4.01
N ALA A 91 -0.48 9.28 -2.85
CA ALA A 91 -1.25 9.73 -1.70
C ALA A 91 -0.77 11.11 -1.24
N ARG A 92 0.50 11.20 -0.86
CA ARG A 92 1.08 12.45 -0.39
C ARG A 92 0.74 13.63 -1.28
N LEU A 93 0.90 13.47 -2.59
CA LEU A 93 0.64 14.56 -3.53
C LEU A 93 -0.80 14.64 -4.05
N ASP A 94 -1.68 13.81 -3.51
CA ASP A 94 -3.09 13.88 -3.88
C ASP A 94 -3.45 13.60 -5.33
N HIS A 95 -2.84 12.60 -5.94
CA HIS A 95 -3.16 12.25 -7.32
C HIS A 95 -4.67 12.00 -7.45
N GLU A 96 -5.20 12.09 -8.67
CA GLU A 96 -6.63 11.85 -8.91
C GLU A 96 -6.98 10.36 -8.75
N SER A 97 -5.98 9.51 -9.00
CA SER A 97 -6.15 8.06 -8.90
C SER A 97 -6.36 7.52 -7.50
N VAL A 98 -6.05 8.34 -6.49
CA VAL A 98 -6.14 7.90 -5.11
C VAL A 98 -7.42 7.17 -4.65
N PRO A 99 -8.60 7.82 -4.76
CA PRO A 99 -9.84 7.16 -4.33
C PRO A 99 -10.04 5.76 -4.91
N GLN A 100 -9.99 5.65 -6.23
CA GLN A 100 -10.18 4.34 -6.85
C GLN A 100 -9.04 3.39 -6.50
N LEU A 101 -7.85 3.95 -6.24
CA LEU A 101 -6.68 3.15 -5.93
C LEU A 101 -6.84 2.42 -4.59
N ILE A 102 -7.48 3.06 -3.62
CA ILE A 102 -7.62 2.38 -2.35
C ILE A 102 -8.60 1.22 -2.53
N ASP A 103 -9.63 1.41 -3.35
CA ASP A 103 -10.57 0.31 -3.61
C ASP A 103 -9.80 -0.84 -4.28
N ASN A 104 -8.96 -0.49 -5.26
CA ASN A 104 -8.15 -1.47 -5.98
C ASN A 104 -7.24 -2.18 -4.98
N LEU A 105 -6.68 -1.41 -4.04
CA LEU A 105 -5.79 -1.95 -3.03
C LEU A 105 -6.50 -2.90 -2.05
N LEU A 106 -7.73 -2.58 -1.70
CA LEU A 106 -8.49 -3.41 -0.77
C LEU A 106 -8.96 -4.68 -1.49
N SER A 107 -9.24 -4.57 -2.78
CA SER A 107 -9.64 -5.72 -3.59
C SER A 107 -8.42 -6.68 -3.65
N VAL A 108 -7.24 -6.11 -3.92
CA VAL A 108 -6.02 -6.90 -3.95
C VAL A 108 -5.80 -7.55 -2.56
N ARG A 109 -5.98 -6.77 -1.50
CA ARG A 109 -5.78 -7.34 -0.20
C ARG A 109 -6.69 -8.55 0.03
N THR A 110 -7.95 -8.42 -0.35
CA THR A 110 -8.88 -9.52 -0.17
C THR A 110 -8.48 -10.75 -0.97
N ASN A 111 -8.22 -10.54 -2.24
CA ASN A 111 -7.90 -11.66 -3.08
C ASN A 111 -6.57 -12.35 -2.83
N ILE A 112 -5.49 -11.60 -2.57
CA ILE A 112 -4.29 -12.36 -2.34
C ILE A 112 -4.27 -12.90 -0.91
N SER A 113 -5.03 -12.29 0.00
CA SER A 113 -5.02 -12.86 1.35
C SER A 113 -5.78 -14.21 1.33
N THR A 114 -6.71 -14.40 0.39
CA THR A 114 -7.38 -15.70 0.33
C THR A 114 -6.30 -16.78 0.14
N ILE A 115 -5.25 -16.43 -0.63
CA ILE A 115 -4.14 -17.35 -0.90
C ILE A 115 -3.26 -17.63 0.30
N PHE A 116 -2.64 -16.59 0.85
CA PHE A 116 -1.73 -16.86 1.95
C PHE A 116 -2.39 -17.29 3.27
N ILE A 117 -3.64 -16.91 3.50
CA ILE A 117 -4.30 -17.32 4.73
C ILE A 117 -4.53 -18.84 4.66
N ARG A 118 -5.07 -19.32 3.55
CA ARG A 118 -5.30 -20.75 3.40
C ARG A 118 -3.98 -21.52 3.53
N THR A 119 -2.92 -21.02 2.91
CA THR A 119 -1.63 -21.70 2.99
C THR A 119 -1.13 -21.72 4.42
N ALA A 120 -1.28 -20.60 5.12
CA ALA A 120 -0.88 -20.52 6.52
C ALA A 120 -1.65 -21.56 7.38
N PHE A 121 -2.93 -21.75 7.08
CA PHE A 121 -3.71 -22.72 7.86
C PHE A 121 -3.21 -24.13 7.57
N ARG A 122 -2.89 -24.40 6.31
CA ARG A 122 -2.36 -25.73 5.92
C ARG A 122 -0.93 -25.99 6.40
N GLN A 123 -0.03 -25.00 6.26
CA GLN A 123 1.38 -25.15 6.62
C GLN A 123 1.82 -24.91 8.05
N HIS A 124 1.39 -23.80 8.65
CA HIS A 124 1.78 -23.45 10.00
C HIS A 124 0.59 -23.01 10.86
N PRO A 125 -0.37 -23.92 11.07
CA PRO A 125 -1.56 -23.58 11.87
C PRO A 125 -1.28 -22.98 13.24
N ASP A 126 -0.26 -23.45 13.95
CA ASP A 126 0.02 -22.89 15.27
C ASP A 126 0.39 -21.42 15.20
N LYS A 127 1.23 -21.07 14.24
CA LYS A 127 1.65 -19.69 14.09
C LYS A 127 0.43 -18.84 13.72
N ALA A 128 -0.41 -19.37 12.83
CA ALA A 128 -1.60 -18.66 12.41
C ALA A 128 -2.51 -18.36 13.62
N GLN A 129 -2.69 -19.35 14.51
CA GLN A 129 -3.54 -19.17 15.71
C GLN A 129 -2.93 -18.13 16.63
N GLU A 130 -1.61 -18.18 16.74
CA GLU A 130 -0.89 -17.26 17.58
C GLU A 130 -1.18 -15.84 17.07
N VAL A 131 -1.10 -15.67 15.76
CA VAL A 131 -1.37 -14.37 15.15
C VAL A 131 -2.82 -13.95 15.43
N LEU A 132 -3.75 -14.83 15.12
CA LEU A 132 -5.16 -14.49 15.34
C LEU A 132 -5.50 -14.20 16.81
N ALA A 133 -4.83 -14.88 17.75
CA ALA A 133 -5.11 -14.67 19.17
C ALA A 133 -4.85 -13.25 19.63
N THR A 134 -4.02 -12.50 18.89
CA THR A 134 -3.73 -11.14 19.27
C THR A 134 -5.00 -10.27 19.29
N ALA A 135 -6.06 -10.73 18.63
CA ALA A 135 -7.32 -9.96 18.61
C ALA A 135 -8.03 -10.02 19.96
N ASN A 136 -7.76 -11.10 20.71
CA ASN A 136 -8.40 -11.36 22.01
C ASN A 136 -8.54 -10.23 23.02
N GLU A 137 -7.45 -9.54 23.35
CA GLU A 137 -7.58 -8.46 24.34
C GLU A 137 -7.30 -7.06 23.78
N VAL A 138 -7.60 -6.83 22.51
CA VAL A 138 -7.35 -5.53 21.89
C VAL A 138 -8.30 -4.43 22.41
N ALA A 139 -7.77 -3.21 22.54
CA ALA A 139 -8.56 -2.08 23.00
C ALA A 139 -9.62 -1.72 21.96
N ASP A 140 -10.79 -1.28 22.43
CA ASP A 140 -11.88 -0.94 21.54
C ASP A 140 -11.85 0.45 20.91
N HIS A 141 -10.77 0.77 20.20
CA HIS A 141 -10.68 2.07 19.52
C HIS A 141 -9.94 1.99 18.18
N ALA A 142 -10.26 2.92 17.28
CA ALA A 142 -9.68 2.98 15.94
C ALA A 142 -8.18 2.70 15.83
N ASP A 143 -7.38 3.36 16.64
CA ASP A 143 -5.94 3.16 16.56
C ASP A 143 -5.51 1.74 16.87
N ALA A 144 -6.07 1.16 17.92
CA ALA A 144 -5.71 -0.20 18.31
C ALA A 144 -6.10 -1.18 17.19
N PHE A 145 -7.28 -0.99 16.61
CA PHE A 145 -7.75 -1.86 15.55
C PHE A 145 -6.94 -1.76 14.25
N ALA A 146 -6.59 -0.55 13.83
CA ALA A 146 -5.82 -0.38 12.59
C ALA A 146 -4.51 -1.14 12.75
N GLU A 147 -3.87 -0.96 13.91
CA GLU A 147 -2.63 -1.64 14.22
C GLU A 147 -2.85 -3.16 14.20
N LEU A 148 -3.85 -3.61 14.96
CA LEU A 148 -4.17 -5.06 15.03
C LEU A 148 -4.41 -5.68 13.64
N ASP A 149 -5.29 -5.06 12.87
CA ASP A 149 -5.64 -5.55 11.54
C ASP A 149 -4.40 -5.72 10.64
N TYR A 150 -3.56 -4.70 10.60
CA TYR A 150 -2.34 -4.79 9.81
C TYR A 150 -1.49 -5.97 10.28
N ASN A 151 -1.29 -6.09 11.59
CA ASN A 151 -0.45 -7.18 12.10
C ASN A 151 -1.06 -8.57 11.85
N ILE A 152 -2.37 -8.68 11.84
CA ILE A 152 -2.99 -9.97 11.60
C ILE A 152 -2.84 -10.39 10.13
N PHE A 153 -3.12 -9.47 9.19
CA PHE A 153 -2.95 -9.82 7.79
C PHE A 153 -1.47 -10.09 7.48
N ARG A 154 -0.57 -9.28 8.03
CA ARG A 154 0.86 -9.49 7.75
C ARG A 154 1.36 -10.75 8.47
N GLY A 155 0.90 -10.93 9.71
CA GLY A 155 1.31 -12.11 10.47
C GLY A 155 0.87 -13.38 9.76
N LEU A 156 -0.32 -13.35 9.15
CA LEU A 156 -0.80 -14.53 8.43
C LEU A 156 -0.01 -14.68 7.12
N ALA A 157 0.39 -13.55 6.52
CA ALA A 157 1.20 -13.60 5.30
C ALA A 157 2.52 -14.31 5.67
N PHE A 158 3.16 -13.86 6.75
CA PHE A 158 4.41 -14.50 7.22
C PHE A 158 4.19 -16.00 7.52
N ALA A 159 3.10 -16.31 8.22
CA ALA A 159 2.79 -17.70 8.59
C ALA A 159 2.54 -18.65 7.43
N SER A 160 2.32 -18.11 6.22
CA SER A 160 2.11 -18.98 5.05
C SER A 160 3.43 -19.72 4.77
N GLY A 161 4.54 -19.14 5.20
CA GLY A 161 5.83 -19.78 4.94
C GLY A 161 6.46 -19.26 3.65
N ASN A 162 5.69 -18.48 2.88
CA ASN A 162 6.19 -17.87 1.64
C ASN A 162 6.36 -16.39 1.99
N PRO A 163 7.61 -15.97 2.25
CA PRO A 163 7.87 -14.57 2.60
C PRO A 163 7.60 -13.48 1.57
N ILE A 164 7.36 -13.86 0.32
CA ILE A 164 7.07 -12.88 -0.73
C ILE A 164 5.80 -12.11 -0.37
N TYR A 165 4.80 -12.80 0.19
CA TYR A 165 3.55 -12.14 0.60
C TYR A 165 3.84 -11.06 1.64
N GLY A 166 4.75 -11.35 2.56
CA GLY A 166 5.11 -10.35 3.57
C GLY A 166 5.79 -9.13 2.96
N LEU A 167 6.64 -9.36 1.96
CA LEU A 167 7.34 -8.27 1.30
C LEU A 167 6.34 -7.38 0.57
N ILE A 168 5.30 -7.98 0.03
CA ILE A 168 4.30 -7.20 -0.65
C ILE A 168 3.64 -6.28 0.38
N LEU A 169 3.18 -6.86 1.47
CA LEU A 169 2.52 -6.11 2.54
C LEU A 169 3.37 -5.11 3.31
N ASN A 170 4.66 -5.42 3.48
CA ASN A 170 5.60 -4.59 4.24
C ASN A 170 5.62 -3.07 4.07
N GLY A 171 5.41 -2.59 2.86
CA GLY A 171 5.46 -1.15 2.67
C GLY A 171 4.20 -0.38 3.01
N MET A 172 3.04 -1.05 2.98
CA MET A 172 1.78 -0.37 3.26
C MET A 172 1.48 -0.01 4.70
N LYS A 173 2.28 -0.49 5.64
CA LYS A 173 2.04 -0.20 7.06
C LYS A 173 1.47 1.23 7.30
N GLY A 174 2.23 2.26 6.90
CA GLY A 174 1.77 3.63 7.09
C GLY A 174 0.46 3.93 6.36
N LEU A 175 0.41 3.57 5.08
CA LEU A 175 -0.79 3.79 4.28
C LEU A 175 -1.91 2.95 4.89
N TYR A 176 -1.57 1.68 5.12
CA TYR A 176 -2.47 0.70 5.68
C TYR A 176 -3.13 1.24 6.95
N THR A 177 -2.35 1.57 7.97
CA THR A 177 -2.95 2.07 9.19
C THR A 177 -3.72 3.36 8.94
N ARG A 178 -3.29 4.12 7.93
CA ARG A 178 -3.96 5.37 7.59
C ARG A 178 -5.43 5.09 7.24
N ILE A 179 -5.64 4.24 6.23
CA ILE A 179 -7.00 3.86 5.82
C ILE A 179 -7.69 3.22 7.04
N GLY A 180 -6.97 2.31 7.72
CA GLY A 180 -7.52 1.65 8.88
C GLY A 180 -7.98 2.56 10.03
N ARG A 181 -7.21 3.60 10.33
CA ARG A 181 -7.59 4.49 11.42
C ARG A 181 -8.92 5.18 11.12
N HIS A 182 -9.14 5.52 9.85
CA HIS A 182 -10.40 6.16 9.45
C HIS A 182 -11.53 5.13 9.53
N TYR A 183 -11.28 3.95 8.96
CA TYR A 183 -12.26 2.86 8.91
C TYR A 183 -12.68 2.33 10.29
N PHE A 184 -11.69 2.02 11.12
CA PHE A 184 -11.99 1.48 12.43
C PHE A 184 -12.48 2.45 13.49
N ALA A 185 -12.83 3.66 13.07
CA ALA A 185 -13.36 4.68 13.97
C ALA A 185 -14.82 4.27 14.16
N ASN A 186 -15.34 3.53 13.18
CA ASN A 186 -16.71 3.05 13.26
C ASN A 186 -16.76 1.77 14.09
N PRO A 187 -17.55 1.76 15.19
CA PRO A 187 -17.61 0.56 16.01
C PRO A 187 -18.12 -0.67 15.24
N GLU A 188 -18.94 -0.45 14.22
CA GLU A 188 -19.44 -1.58 13.46
C GLU A 188 -18.31 -2.20 12.63
N ALA A 189 -17.36 -1.38 12.19
CA ALA A 189 -16.21 -1.88 11.44
C ALA A 189 -15.39 -2.76 12.39
N ARG A 190 -15.29 -2.33 13.64
CA ARG A 190 -14.54 -3.09 14.64
C ARG A 190 -15.21 -4.42 14.96
N SER A 191 -16.54 -4.41 15.06
CA SER A 191 -17.29 -5.64 15.35
C SER A 191 -17.20 -6.65 14.20
N LEU A 192 -17.38 -6.20 12.96
CA LEU A 192 -17.28 -7.13 11.83
C LEU A 192 -15.88 -7.76 11.80
N ALA A 193 -14.86 -6.95 12.09
CA ALA A 193 -13.47 -7.44 12.09
C ALA A 193 -13.27 -8.50 13.17
N LEU A 194 -13.78 -8.25 14.38
CA LEU A 194 -13.61 -9.27 15.41
C LEU A 194 -14.33 -10.54 15.01
N GLY A 195 -15.51 -10.42 14.42
CA GLY A 195 -16.21 -11.60 13.98
C GLY A 195 -15.37 -12.35 12.95
N PHE A 196 -14.71 -11.58 12.08
CA PHE A 196 -13.88 -12.15 11.03
C PHE A 196 -12.67 -12.90 11.58
N TYR A 197 -11.93 -12.27 12.50
CA TYR A 197 -10.76 -12.94 13.07
C TYR A 197 -11.18 -14.21 13.84
N HIS A 198 -12.29 -14.11 14.56
CA HIS A 198 -12.78 -15.25 15.33
C HIS A 198 -13.15 -16.41 14.40
N LYS A 199 -13.84 -16.11 13.30
CA LYS A 199 -14.21 -17.15 12.33
C LYS A 199 -12.97 -17.77 11.66
N LEU A 200 -11.93 -16.96 11.45
CA LEU A 200 -10.70 -17.49 10.84
C LEU A 200 -10.03 -18.47 11.81
N SER A 201 -10.01 -18.12 13.09
CA SER A 201 -9.43 -18.98 14.11
C SER A 201 -10.20 -20.31 14.15
N ALA A 202 -11.53 -20.22 14.12
CA ALA A 202 -12.35 -21.42 14.14
C ALA A 202 -12.03 -22.29 12.93
N LEU A 203 -12.01 -21.70 11.74
CA LEU A 203 -11.70 -22.45 10.53
C LEU A 203 -10.34 -23.13 10.55
N CYS A 204 -9.35 -22.44 11.10
CA CYS A 204 -8.02 -22.98 11.19
C CYS A 204 -8.06 -24.13 12.23
N SER A 205 -8.85 -23.94 13.29
CA SER A 205 -9.00 -24.96 14.34
C SER A 205 -9.63 -26.21 13.75
N GLU A 206 -10.64 -26.00 12.92
CA GLU A 206 -11.38 -27.08 12.27
C GLU A 206 -10.65 -27.60 11.04
N GLY A 207 -9.52 -26.99 10.71
CA GLY A 207 -8.79 -27.41 9.53
C GLY A 207 -9.64 -27.27 8.29
N ALA A 208 -10.57 -26.31 8.30
CA ALA A 208 -11.46 -26.08 7.17
C ALA A 208 -10.85 -25.10 6.16
N HIS A 209 -9.72 -25.51 5.58
CA HIS A 209 -8.95 -24.73 4.59
C HIS A 209 -9.77 -24.31 3.39
N ASP A 210 -10.73 -25.15 3.05
CA ASP A 210 -11.62 -24.96 1.92
C ASP A 210 -12.60 -23.81 2.08
N GLN A 211 -12.92 -23.46 3.32
CA GLN A 211 -13.88 -22.40 3.58
C GLN A 211 -13.23 -21.00 3.68
N VAL A 212 -11.89 -20.96 3.67
CA VAL A 212 -11.18 -19.67 3.77
C VAL A 212 -11.55 -18.72 2.65
N TYR A 213 -11.53 -19.24 1.43
CA TYR A 213 -11.85 -18.42 0.28
C TYR A 213 -13.17 -17.66 0.38
N GLU A 214 -14.28 -18.36 0.65
CA GLU A 214 -15.56 -17.67 0.72
C GLU A 214 -15.68 -16.74 1.94
N THR A 215 -15.08 -17.13 3.06
CA THR A 215 -15.12 -16.34 4.27
C THR A 215 -14.40 -14.99 4.07
N VAL A 216 -13.25 -15.04 3.42
CA VAL A 216 -12.48 -13.82 3.18
C VAL A 216 -13.19 -12.94 2.19
N ARG A 217 -13.67 -13.53 1.10
CA ARG A 217 -14.41 -12.76 0.10
C ARG A 217 -15.65 -12.10 0.76
N ARG A 218 -16.36 -12.87 1.59
CA ARG A 218 -17.56 -12.34 2.25
C ARG A 218 -17.18 -11.15 3.13
N TYR A 219 -16.09 -11.27 3.87
CA TYR A 219 -15.63 -10.19 4.73
C TYR A 219 -15.22 -9.02 3.83
N GLY A 220 -14.71 -9.32 2.63
CA GLY A 220 -14.31 -8.27 1.73
C GLY A 220 -15.52 -7.45 1.29
N HIS A 221 -16.58 -8.12 0.85
CA HIS A 221 -17.80 -7.44 0.43
C HIS A 221 -18.41 -6.61 1.57
N GLU A 222 -18.64 -7.25 2.71
CA GLU A 222 -19.24 -6.58 3.85
C GLU A 222 -18.44 -5.41 4.42
N SER A 223 -17.12 -5.58 4.53
CA SER A 223 -16.29 -4.50 5.04
C SER A 223 -16.35 -3.42 3.97
N GLY A 224 -16.55 -3.86 2.73
CA GLY A 224 -16.66 -2.93 1.62
C GLY A 224 -17.89 -2.03 1.76
N GLU A 225 -19.00 -2.62 2.19
CA GLU A 225 -20.24 -1.87 2.38
C GLU A 225 -20.06 -0.81 3.47
N ILE A 226 -19.42 -1.20 4.57
CA ILE A 226 -19.20 -0.28 5.66
C ILE A 226 -18.30 0.86 5.23
N TRP A 227 -17.18 0.52 4.60
CA TRP A 227 -16.20 1.50 4.13
C TRP A 227 -16.84 2.51 3.19
N HIS A 228 -17.53 2.03 2.17
CA HIS A 228 -18.18 2.91 1.23
C HIS A 228 -19.19 3.83 1.91
N ARG A 229 -20.07 3.28 2.75
CA ARG A 229 -21.05 4.12 3.46
C ARG A 229 -20.30 5.27 4.12
N MET A 230 -19.17 4.94 4.73
CA MET A 230 -18.32 5.93 5.41
C MET A 230 -17.62 6.85 4.42
N GLN A 231 -16.30 6.64 4.31
CA GLN A 231 -15.42 7.42 3.44
C GLN A 231 -15.47 8.92 3.76
#